data_193D
#
_entry.id   193D
#
_cell.length_a   1.000
_cell.length_b   1.000
_cell.length_c   1.000
_cell.angle_alpha   90.00
_cell.angle_beta   90.00
_cell.angle_gamma   90.00
#
_symmetry.space_group_name_H-M   'P 1'
#
loop_
_entity.id
_entity.type
_entity.pdbx_description
1 polymer "DNA (5'-D(*AP*CP*AP*CP*GP*TP*GP*T)-3')"
2 polymer QUINOMYCIN
3 non-polymer '3-HYDROXYQUINALDIC ACID'
#
loop_
_entity_poly.entity_id
_entity_poly.type
_entity_poly.pdbx_seq_one_letter_code
_entity_poly.pdbx_strand_id
1 'polydeoxyribonucleotide' (DA)(DC)(DA)(DC)(DG)(DT)(DG)(DT) A,B
2 'polypeptide(L)' (DSN)A(NYB)(CPC)(DSN)A(NCY)(CPC) C
#
# COMPACT_ATOMS: atom_id res chain seq x y z
N ALA C 2 3.63 2.42 -0.79
CA ALA C 2 2.29 3.08 -1.03
C ALA C 2 1.08 2.25 -0.49
N ALA C 6 -3.16 -3.04 0.23
CA ALA C 6 -2.43 -2.96 1.55
C ALA C 6 -1.46 -1.74 1.60
N ALA C 2 3.60 2.38 -0.78
CA ALA C 2 2.29 3.09 -1.07
C ALA C 2 1.05 2.21 -0.77
N ALA C 6 -3.10 -3.11 -0.11
CA ALA C 6 -2.37 -2.98 1.20
C ALA C 6 -1.39 -1.77 1.17
N ALA C 2 3.65 2.56 -0.76
CA ALA C 2 2.32 3.25 -1.00
C ALA C 2 1.11 2.39 -0.53
N ALA C 6 -3.16 -3.14 0.00
CA ALA C 6 -2.41 -3.07 1.30
C ALA C 6 -1.46 -1.81 1.36
N ALA C 2 3.73 2.25 -1.54
CA ALA C 2 2.41 2.91 -1.89
C ALA C 2 1.20 2.14 -1.31
N ALA C 6 -2.89 -3.47 -0.34
CA ALA C 6 -2.11 -3.32 0.94
C ALA C 6 -1.27 -2.01 0.92
#